data_2OE3
#
_entry.id   2OE3
#
_cell.length_a   49.313
_cell.length_b   60.682
_cell.length_c   72.679
_cell.angle_alpha   90.00
_cell.angle_beta   90.00
_cell.angle_gamma   90.00
#
_symmetry.space_group_name_H-M   'P 21 21 21'
#
loop_
_entity.id
_entity.type
_entity.pdbx_description
1 polymer Thioredoxin-3
2 water water
#
_entity_poly.entity_id   1
_entity_poly.type   'polypeptide(L)'
_entity_poly.pdbx_seq_one_letter_code
;MGHHHHHHSSYTSITKLTNLTEFRNLIKQNDKLVIDFYATWCGPCKMMQPHLTKLIQAYPDVRFVKCDVDESPDIAKECE
VTAMPTFVLGKDGQLIGKIIGANPTALEKGIKDL
;
_entity_poly.pdbx_strand_id   A,B
#
# COMPACT_ATOMS: atom_id res chain seq x y z
N SER A 9 -13.81 -11.92 13.41
CA SER A 9 -14.33 -13.31 13.57
C SER A 9 -14.87 -13.83 12.22
N SER A 10 -15.60 -12.98 11.50
CA SER A 10 -16.03 -13.30 10.15
C SER A 10 -14.83 -13.33 9.21
N TYR A 11 -13.79 -12.54 9.53
CA TYR A 11 -12.61 -12.46 8.66
C TYR A 11 -11.85 -13.79 8.67
N THR A 12 -11.94 -14.53 9.79
CA THR A 12 -11.24 -15.81 9.92
C THR A 12 -11.79 -16.89 8.99
N SER A 13 -13.07 -16.78 8.61
CA SER A 13 -13.75 -17.80 7.79
C SER A 13 -13.46 -17.66 6.29
N ILE A 14 -12.79 -16.57 5.93
CA ILE A 14 -12.53 -16.25 4.54
C ILE A 14 -11.45 -17.19 3.97
N THR A 15 -11.75 -17.77 2.82
CA THR A 15 -10.84 -18.67 2.11
C THR A 15 -9.52 -17.97 1.79
N LYS A 16 -8.41 -18.65 2.08
CA LYS A 16 -7.09 -18.13 1.77
C LYS A 16 -6.58 -18.77 0.49
N LEU A 17 -5.99 -17.98 -0.39
CA LEU A 17 -5.26 -18.51 -1.53
C LEU A 17 -3.86 -18.83 -1.06
N THR A 18 -3.38 -20.05 -1.32
CA THR A 18 -2.08 -20.50 -0.79
C THR A 18 -1.07 -20.97 -1.88
N ASN A 19 -1.57 -21.17 -3.09
CA ASN A 19 -0.72 -21.48 -4.23
C ASN A 19 -1.32 -20.98 -5.54
N LEU A 20 -0.53 -21.01 -6.60
CA LEU A 20 -0.92 -20.50 -7.89
C LEU A 20 -2.03 -21.27 -8.58
N THR A 21 -2.16 -22.56 -8.27
CA THR A 21 -3.27 -23.36 -8.87
C THR A 21 -4.60 -22.86 -8.35
N GLU A 22 -4.72 -22.80 -7.02
CA GLU A 22 -5.91 -22.22 -6.36
C GLU A 22 -6.23 -20.84 -6.90
N PHE A 23 -5.19 -20.06 -7.20
CA PHE A 23 -5.33 -18.72 -7.77
C PHE A 23 -5.95 -18.75 -9.17
N ARG A 24 -5.35 -19.53 -10.06
CA ARG A 24 -5.93 -19.70 -11.42
C ARG A 24 -7.32 -20.32 -11.39
N ASN A 25 -7.52 -21.31 -10.52
CA ASN A 25 -8.84 -21.95 -10.33
C ASN A 25 -9.87 -20.92 -9.88
N LEU A 26 -9.50 -20.10 -8.90
CA LEU A 26 -10.37 -19.02 -8.42
C LEU A 26 -10.87 -18.17 -9.60
N ILE A 27 -9.96 -17.84 -10.50
CA ILE A 27 -10.25 -16.94 -11.60
C ILE A 27 -11.14 -17.62 -12.65
N LYS A 28 -10.93 -18.91 -12.87
CA LYS A 28 -11.71 -19.68 -13.84
C LYS A 28 -13.10 -20.05 -13.31
N GLN A 29 -13.24 -20.20 -11.98
CA GLN A 29 -14.48 -20.75 -11.41
C GLN A 29 -15.47 -19.73 -10.80
N ASN A 30 -15.14 -18.45 -10.87
CA ASN A 30 -15.98 -17.40 -10.30
C ASN A 30 -16.20 -16.26 -11.28
N ASP A 31 -17.47 -15.91 -11.48
CA ASP A 31 -17.86 -14.80 -12.36
C ASP A 31 -17.29 -13.45 -11.94
N LYS A 32 -17.28 -13.21 -10.63
CA LYS A 32 -16.83 -11.94 -10.06
C LYS A 32 -16.05 -12.31 -8.80
N LEU A 33 -14.87 -11.70 -8.63
CA LEU A 33 -14.06 -11.99 -7.45
C LEU A 33 -13.28 -10.77 -6.92
N VAL A 34 -12.88 -10.88 -5.65
CA VAL A 34 -12.03 -9.90 -4.98
C VAL A 34 -11.01 -10.69 -4.18
N ILE A 35 -9.73 -10.33 -4.32
CA ILE A 35 -8.66 -10.94 -3.52
C ILE A 35 -8.09 -9.85 -2.63
N ASP A 36 -8.23 -10.04 -1.33
CA ASP A 36 -7.66 -9.14 -0.31
C ASP A 36 -6.19 -9.58 -0.06
N PHE A 37 -5.24 -8.83 -0.61
CA PHE A 37 -3.82 -9.06 -0.36
C PHE A 37 -3.41 -8.32 0.90
N TYR A 38 -3.07 -9.10 1.93
CA TYR A 38 -2.75 -8.57 3.25
C TYR A 38 -1.45 -9.16 3.78
N ALA A 39 -0.98 -8.58 4.88
CA ALA A 39 0.11 -9.15 5.66
C ALA A 39 -0.25 -9.05 7.13
N THR A 40 0.28 -9.97 7.92
CA THR A 40 0.01 -9.98 9.37
C THR A 40 0.53 -8.75 10.14
N TRP A 41 1.63 -8.18 9.66
CA TRP A 41 2.21 -6.94 10.22
C TRP A 41 1.50 -5.66 9.78
N CYS A 42 0.49 -5.79 8.94
CA CYS A 42 -0.12 -4.61 8.30
C CYS A 42 -1.34 -4.06 9.04
N GLY A 43 -1.15 -2.92 9.69
CA GLY A 43 -2.18 -2.28 10.54
C GLY A 43 -3.42 -1.89 9.75
N PRO A 44 -3.23 -1.11 8.68
CA PRO A 44 -4.37 -0.66 7.84
C PRO A 44 -5.13 -1.84 7.24
N CYS A 45 -4.42 -2.96 7.00
CA CYS A 45 -5.07 -4.18 6.54
C CYS A 45 -6.07 -4.68 7.59
N LYS A 46 -5.63 -4.70 8.85
CA LYS A 46 -6.51 -5.11 9.94
C LYS A 46 -7.71 -4.17 10.05
N MET A 47 -7.47 -2.87 9.87
CA MET A 47 -8.57 -1.87 9.89
C MET A 47 -9.64 -2.10 8.83
N MET A 48 -9.26 -2.72 7.74
CA MET A 48 -10.17 -3.00 6.63
C MET A 48 -11.08 -4.19 6.90
N GLN A 49 -10.75 -5.02 7.90
CA GLN A 49 -11.49 -6.28 8.12
C GLN A 49 -13.02 -6.08 8.25
N PRO A 50 -13.46 -5.14 9.13
CA PRO A 50 -14.92 -4.98 9.29
C PRO A 50 -15.57 -4.51 7.98
N HIS A 51 -14.82 -3.75 7.18
CA HIS A 51 -15.33 -3.28 5.88
C HIS A 51 -15.46 -4.44 4.90
N LEU A 52 -14.45 -5.33 4.88
CA LEU A 52 -14.50 -6.53 4.05
C LEU A 52 -15.65 -7.46 4.47
N THR A 53 -15.81 -7.62 5.79
CA THR A 53 -16.92 -8.40 6.40
C THR A 53 -18.25 -7.91 5.80
N LYS A 54 -18.49 -6.60 5.89
CA LYS A 54 -19.74 -6.02 5.38
C LYS A 54 -19.94 -6.23 3.88
N LEU A 55 -18.86 -6.05 3.12
CA LEU A 55 -18.93 -6.19 1.67
C LEU A 55 -19.33 -7.61 1.25
N ILE A 56 -18.77 -8.60 1.95
CA ILE A 56 -19.10 -10.00 1.77
C ILE A 56 -20.60 -10.22 2.01
N GLN A 57 -21.13 -9.60 3.06
CA GLN A 57 -22.55 -9.70 3.34
C GLN A 57 -23.34 -9.08 2.18
N ALA A 58 -22.90 -7.90 1.75
CA ALA A 58 -23.67 -7.05 0.84
C ALA A 58 -23.60 -7.47 -0.64
N TYR A 59 -22.58 -8.27 -1.00
CA TYR A 59 -22.32 -8.63 -2.39
C TYR A 59 -22.26 -10.15 -2.58
N PRO A 60 -23.43 -10.82 -2.48
CA PRO A 60 -23.51 -12.29 -2.49
C PRO A 60 -23.08 -12.90 -3.84
N ASP A 61 -23.09 -12.10 -4.90
CA ASP A 61 -22.68 -12.61 -6.23
C ASP A 61 -21.17 -12.44 -6.54
N VAL A 62 -20.43 -11.93 -5.56
CA VAL A 62 -19.01 -11.71 -5.69
C VAL A 62 -18.30 -12.70 -4.72
N ARG A 63 -17.30 -13.40 -5.23
CA ARG A 63 -16.50 -14.32 -4.41
C ARG A 63 -15.33 -13.57 -3.76
N PHE A 64 -15.28 -13.59 -2.43
CA PHE A 64 -14.18 -12.95 -1.68
C PHE A 64 -13.20 -13.97 -1.11
N VAL A 65 -11.90 -13.72 -1.36
CA VAL A 65 -10.81 -14.52 -0.76
C VAL A 65 -9.71 -13.58 -0.27
N LYS A 66 -8.80 -14.13 0.51
CA LYS A 66 -7.66 -13.35 0.99
C LYS A 66 -6.38 -14.08 0.67
N CYS A 67 -5.29 -13.31 0.62
CA CYS A 67 -3.99 -13.87 0.33
C CYS A 67 -2.93 -13.18 1.18
N ASP A 68 -2.28 -13.96 2.03
CA ASP A 68 -1.17 -13.47 2.89
C ASP A 68 0.09 -13.45 2.00
N VAL A 69 0.55 -12.22 1.70
CA VAL A 69 1.66 -11.99 0.77
C VAL A 69 2.99 -12.63 1.21
N ASP A 70 3.15 -12.82 2.51
CA ASP A 70 4.36 -13.45 3.06
C ASP A 70 4.28 -14.96 2.98
N GLU A 71 3.08 -15.51 3.06
CA GLU A 71 2.91 -16.96 2.91
C GLU A 71 2.75 -17.39 1.46
N SER A 72 2.32 -16.46 0.60
CA SER A 72 2.13 -16.77 -0.83
C SER A 72 2.78 -15.72 -1.74
N PRO A 73 4.10 -15.54 -1.61
CA PRO A 73 4.79 -14.46 -2.32
C PRO A 73 4.68 -14.61 -3.83
N ASP A 74 4.52 -15.84 -4.33
CA ASP A 74 4.43 -16.04 -5.78
C ASP A 74 3.15 -15.47 -6.34
N ILE A 75 2.06 -15.60 -5.59
CA ILE A 75 0.80 -15.01 -6.03
C ILE A 75 0.86 -13.48 -5.99
N ALA A 76 1.41 -12.96 -4.89
CA ALA A 76 1.59 -11.53 -4.71
C ALA A 76 2.46 -10.95 -5.86
N LYS A 77 3.51 -11.70 -6.22
CA LYS A 77 4.39 -11.31 -7.34
C LYS A 77 3.63 -11.28 -8.67
N GLU A 78 2.84 -12.30 -8.93
CA GLU A 78 2.09 -12.35 -10.20
C GLU A 78 1.11 -11.17 -10.36
N CYS A 79 0.55 -10.71 -9.23
CA CYS A 79 -0.40 -9.61 -9.23
C CYS A 79 0.27 -8.25 -9.01
N GLU A 80 1.60 -8.25 -9.09
CA GLU A 80 2.44 -7.08 -8.84
C GLU A 80 1.99 -6.28 -7.60
N VAL A 81 1.85 -6.99 -6.49
CA VAL A 81 1.37 -6.36 -5.26
C VAL A 81 2.58 -5.67 -4.62
N THR A 82 2.62 -4.34 -4.64
CA THR A 82 3.79 -3.60 -4.16
C THR A 82 3.44 -2.68 -2.97
N ALA A 83 2.17 -2.68 -2.58
CA ALA A 83 1.71 -1.87 -1.45
C ALA A 83 0.64 -2.62 -0.69
N MET A 84 0.59 -2.45 0.63
CA MET A 84 -0.37 -3.17 1.44
C MET A 84 -1.35 -2.19 2.10
N PRO A 85 -2.66 -2.51 2.12
CA PRO A 85 -3.30 -3.66 1.47
C PRO A 85 -3.46 -3.36 -0.04
N THR A 86 -3.69 -4.41 -0.82
CA THR A 86 -4.15 -4.32 -2.19
C THR A 86 -5.30 -5.26 -2.42
N PHE A 87 -6.32 -4.74 -3.09
CA PHE A 87 -7.49 -5.58 -3.44
C PHE A 87 -7.52 -5.74 -4.95
N VAL A 88 -7.41 -6.99 -5.41
CA VAL A 88 -7.39 -7.29 -6.83
C VAL A 88 -8.83 -7.71 -7.19
N LEU A 89 -9.35 -7.15 -8.27
CA LEU A 89 -10.70 -7.45 -8.74
C LEU A 89 -10.65 -8.28 -10.03
N GLY A 90 -11.62 -9.18 -10.18
CA GLY A 90 -11.64 -10.10 -11.32
C GLY A 90 -13.09 -10.28 -11.76
N LYS A 91 -13.25 -10.58 -13.04
CA LYS A 91 -14.56 -10.72 -13.65
C LYS A 91 -14.46 -11.52 -14.94
N ASP A 92 -15.35 -12.49 -15.08
CA ASP A 92 -15.48 -13.30 -16.31
C ASP A 92 -14.15 -13.88 -16.76
N GLY A 93 -13.39 -14.43 -15.80
CA GLY A 93 -12.15 -15.12 -16.11
C GLY A 93 -10.89 -14.29 -16.29
N GLN A 94 -10.92 -13.00 -15.93
CA GLN A 94 -9.69 -12.19 -16.00
C GLN A 94 -9.61 -11.22 -14.84
N LEU A 95 -8.39 -10.86 -14.44
CA LEU A 95 -8.23 -9.81 -13.42
C LEU A 95 -8.41 -8.47 -14.12
N ILE A 96 -9.15 -7.55 -13.51
CA ILE A 96 -9.50 -6.32 -14.26
C ILE A 96 -8.86 -5.04 -13.71
N GLY A 97 -8.44 -5.08 -12.45
CA GLY A 97 -7.82 -3.90 -11.83
C GLY A 97 -7.58 -4.09 -10.34
N LYS A 98 -7.09 -3.04 -9.70
CA LYS A 98 -6.68 -3.09 -8.29
C LYS A 98 -7.20 -1.87 -7.59
N ILE A 99 -7.62 -2.04 -6.34
CA ILE A 99 -7.82 -0.92 -5.44
C ILE A 99 -6.67 -1.01 -4.46
N ILE A 100 -5.91 0.08 -4.35
CA ILE A 100 -4.73 0.05 -3.52
C ILE A 100 -4.95 0.88 -2.27
N GLY A 101 -4.66 0.26 -1.13
CA GLY A 101 -4.78 0.92 0.19
C GLY A 101 -6.07 0.71 0.96
N ALA A 102 -6.04 1.08 2.25
CA ALA A 102 -7.19 0.99 3.13
C ALA A 102 -8.25 2.04 2.82
N ASN A 103 -8.98 1.81 1.74
CA ASN A 103 -9.95 2.76 1.26
C ASN A 103 -11.26 2.05 0.98
N PRO A 104 -12.13 1.94 1.99
CA PRO A 104 -13.34 1.12 1.82
C PRO A 104 -14.33 1.71 0.83
N THR A 105 -14.38 3.04 0.74
CA THR A 105 -15.22 3.67 -0.24
C THR A 105 -14.84 3.34 -1.70
N ALA A 106 -13.55 3.47 -2.04
CA ALA A 106 -13.10 3.15 -3.38
C ALA A 106 -13.27 1.64 -3.62
N LEU A 107 -12.98 0.86 -2.60
CA LEU A 107 -13.13 -0.61 -2.71
C LEU A 107 -14.58 -0.95 -3.05
N GLU A 108 -15.53 -0.40 -2.28
CA GLU A 108 -16.95 -0.72 -2.54
C GLU A 108 -17.35 -0.27 -3.94
N LYS A 109 -16.93 0.93 -4.35
CA LYS A 109 -17.21 1.37 -5.70
C LYS A 109 -16.73 0.37 -6.78
N GLY A 110 -15.49 -0.13 -6.67
CA GLY A 110 -14.95 -1.12 -7.62
C GLY A 110 -15.74 -2.42 -7.62
N ILE A 111 -16.17 -2.85 -6.44
CA ILE A 111 -16.96 -4.06 -6.29
C ILE A 111 -18.36 -3.87 -6.89
N LYS A 112 -18.95 -2.70 -6.65
CA LYS A 112 -20.32 -2.39 -7.10
C LYS A 112 -20.36 -2.43 -8.63
N ASP A 113 -19.26 -1.98 -9.22
CA ASP A 113 -19.15 -1.88 -10.67
C ASP A 113 -18.88 -3.24 -11.35
N LEU A 114 -18.57 -4.28 -10.57
CA LEU A 114 -18.33 -5.62 -11.15
C LEU A 114 -19.60 -6.22 -11.73
N TYR B 11 20.06 3.54 5.46
CA TYR B 11 18.61 3.75 5.77
C TYR B 11 18.39 4.26 7.19
N THR B 12 19.23 3.75 8.09
CA THR B 12 19.10 4.01 9.52
C THR B 12 19.53 5.43 9.86
N SER B 13 20.15 6.12 8.89
CA SER B 13 20.69 7.46 9.14
C SER B 13 19.75 8.60 8.78
N ILE B 14 18.71 8.34 7.97
CA ILE B 14 17.78 9.45 7.71
C ILE B 14 16.84 9.72 8.88
N THR B 15 16.43 10.98 8.97
CA THR B 15 15.57 11.50 10.02
C THR B 15 14.22 10.78 10.06
N LYS B 16 13.77 10.47 11.26
CA LYS B 16 12.46 9.89 11.43
C LYS B 16 11.56 10.97 11.97
N LEU B 17 10.45 11.21 11.29
CA LEU B 17 9.45 12.14 11.81
C LEU B 17 8.69 11.42 12.89
N THR B 18 8.54 12.06 14.05
CA THR B 18 7.70 11.48 15.10
C THR B 18 6.50 12.33 15.57
N ASN B 19 6.44 13.62 15.21
CA ASN B 19 5.26 14.42 15.55
C ASN B 19 4.95 15.45 14.48
N LEU B 20 3.73 15.96 14.53
CA LEU B 20 3.25 17.00 13.60
C LEU B 20 4.12 18.25 13.53
N THR B 21 4.73 18.64 14.65
CA THR B 21 5.60 19.82 14.71
C THR B 21 6.87 19.63 13.88
N GLU B 22 7.57 18.52 14.09
CA GLU B 22 8.69 18.10 13.25
C GLU B 22 8.28 18.03 11.78
N PHE B 23 7.09 17.45 11.53
CA PHE B 23 6.55 17.32 10.18
C PHE B 23 6.42 18.68 9.50
N ARG B 24 5.66 19.58 10.13
CA ARG B 24 5.46 20.94 9.63
C ARG B 24 6.77 21.74 9.52
N ASN B 25 7.66 21.60 10.49
CA ASN B 25 9.01 22.18 10.38
C ASN B 25 9.75 21.70 9.15
N LEU B 26 9.75 20.39 8.94
CA LEU B 26 10.42 19.82 7.78
C LEU B 26 9.90 20.42 6.45
N ILE B 27 8.57 20.53 6.31
CA ILE B 27 7.98 21.02 5.07
C ILE B 27 8.35 22.49 4.82
N LYS B 28 8.38 23.29 5.88
CA LYS B 28 8.68 24.72 5.74
C LYS B 28 10.17 25.03 5.55
N GLN B 29 11.05 24.11 5.95
CA GLN B 29 12.51 24.34 5.92
C GLN B 29 13.23 23.77 4.71
N ASN B 30 12.52 23.00 3.90
CA ASN B 30 13.11 22.25 2.79
C ASN B 30 12.34 22.43 1.51
N ASP B 31 12.99 22.95 0.48
CA ASP B 31 12.33 23.19 -0.81
C ASP B 31 11.90 21.88 -1.46
N LYS B 32 12.73 20.84 -1.30
CA LYS B 32 12.46 19.54 -1.92
C LYS B 32 12.59 18.46 -0.86
N LEU B 33 11.55 17.63 -0.73
CA LEU B 33 11.43 16.72 0.40
C LEU B 33 10.79 15.39 -0.05
N VAL B 34 11.29 14.26 0.47
CA VAL B 34 10.65 12.96 0.28
C VAL B 34 10.40 12.40 1.69
N ILE B 35 9.17 11.95 1.95
CA ILE B 35 8.84 11.23 3.17
C ILE B 35 8.48 9.77 2.84
N ASP B 36 9.28 8.86 3.38
CA ASP B 36 9.02 7.42 3.29
C ASP B 36 8.06 6.99 4.46
N PHE B 37 6.81 6.70 4.11
CA PHE B 37 5.84 6.21 5.07
C PHE B 37 5.90 4.69 5.03
N TYR B 38 6.29 4.10 6.15
CA TYR B 38 6.52 2.66 6.24
C TYR B 38 5.92 2.13 7.52
N ALA B 39 6.01 0.82 7.72
CA ALA B 39 5.74 0.16 9.01
C ALA B 39 6.86 -0.80 9.27
N THR B 40 7.09 -1.06 10.55
CA THR B 40 8.04 -2.06 10.96
C THR B 40 7.53 -3.45 10.48
N TRP B 41 8.46 -4.23 9.94
CA TRP B 41 8.21 -5.61 9.46
C TRP B 41 7.57 -5.66 8.06
N CYS B 42 7.37 -4.50 7.44
CA CYS B 42 6.79 -4.43 6.10
C CYS B 42 7.80 -4.83 5.01
N GLY B 43 7.44 -5.88 4.28
CA GLY B 43 8.32 -6.48 3.27
C GLY B 43 8.66 -5.54 2.12
N PRO B 44 7.63 -5.01 1.41
CA PRO B 44 7.91 -4.06 0.32
C PRO B 44 8.68 -2.83 0.82
N CYS B 45 8.35 -2.36 2.02
CA CYS B 45 9.05 -1.21 2.65
C CYS B 45 10.55 -1.50 2.75
N LYS B 46 10.89 -2.66 3.32
CA LYS B 46 12.28 -3.09 3.46
C LYS B 46 12.99 -3.19 2.11
N MET B 47 12.29 -3.73 1.12
CA MET B 47 12.83 -3.80 -0.26
C MET B 47 13.29 -2.45 -0.79
N MET B 48 12.57 -1.39 -0.41
CA MET B 48 12.86 -0.04 -0.89
C MET B 48 14.05 0.67 -0.19
N GLN B 49 14.46 0.16 0.96
CA GLN B 49 15.57 0.80 1.68
C GLN B 49 16.86 1.01 0.83
N PRO B 50 17.42 -0.05 0.20
CA PRO B 50 18.62 0.19 -0.60
C PRO B 50 18.39 1.16 -1.78
N HIS B 51 17.17 1.20 -2.30
CA HIS B 51 16.82 2.16 -3.35
C HIS B 51 16.87 3.60 -2.80
N LEU B 52 16.30 3.79 -1.62
CA LEU B 52 16.29 5.13 -1.01
C LEU B 52 17.71 5.60 -0.71
N THR B 53 18.54 4.69 -0.20
CA THR B 53 19.96 4.97 0.07
C THR B 53 20.64 5.56 -1.16
N LYS B 54 20.46 4.88 -2.30
CA LYS B 54 21.05 5.34 -3.57
C LYS B 54 20.47 6.68 -4.00
N LEU B 55 19.15 6.87 -3.83
CA LEU B 55 18.52 8.14 -4.21
C LEU B 55 19.02 9.31 -3.31
N ILE B 56 19.19 9.04 -2.02
CA ILE B 56 19.72 10.03 -1.09
C ILE B 56 21.05 10.58 -1.63
N GLN B 57 21.93 9.66 -2.02
CA GLN B 57 23.26 10.01 -2.54
C GLN B 57 23.19 10.71 -3.90
N ALA B 58 22.27 10.27 -4.76
CA ALA B 58 22.11 10.81 -6.10
C ALA B 58 21.43 12.18 -6.11
N TYR B 59 20.63 12.48 -5.08
CA TYR B 59 19.87 13.74 -5.04
C TYR B 59 20.12 14.51 -3.75
N PRO B 60 21.35 15.05 -3.54
CA PRO B 60 21.72 15.69 -2.28
C PRO B 60 20.93 16.97 -1.94
N ASP B 61 20.31 17.59 -2.94
CA ASP B 61 19.46 18.77 -2.73
C ASP B 61 18.04 18.43 -2.30
N VAL B 62 17.74 17.13 -2.23
CA VAL B 62 16.42 16.68 -1.76
C VAL B 62 16.58 16.15 -0.35
N ARG B 63 15.68 16.56 0.54
CA ARG B 63 15.74 16.06 1.92
C ARG B 63 14.86 14.81 2.07
N PHE B 64 15.48 13.69 2.40
CA PHE B 64 14.73 12.42 2.59
C PHE B 64 14.55 12.18 4.08
N VAL B 65 13.32 11.90 4.48
CA VAL B 65 13.01 11.51 5.86
C VAL B 65 12.06 10.32 5.82
N LYS B 66 11.83 9.72 6.98
CA LYS B 66 10.94 8.57 7.07
C LYS B 66 9.95 8.75 8.20
N CYS B 67 8.84 8.03 8.12
CA CYS B 67 7.78 8.13 9.13
C CYS B 67 7.05 6.81 9.29
N ASP B 68 6.99 6.32 10.54
CA ASP B 68 6.33 5.04 10.85
C ASP B 68 4.81 5.24 11.04
N VAL B 69 4.01 4.71 10.11
CA VAL B 69 2.55 4.99 10.06
C VAL B 69 1.80 4.53 11.32
N ASP B 70 2.28 3.46 11.96
CA ASP B 70 1.69 3.00 13.22
C ASP B 70 2.08 3.84 14.43
N GLU B 71 3.29 4.34 14.43
CA GLU B 71 3.82 5.18 15.50
C GLU B 71 3.27 6.60 15.36
N SER B 72 3.07 7.02 14.11
CA SER B 72 2.62 8.40 13.77
C SER B 72 1.36 8.42 12.85
N PRO B 73 0.25 7.79 13.30
CA PRO B 73 -0.97 7.72 12.51
C PRO B 73 -1.49 9.13 12.13
N ASP B 74 -1.21 10.13 12.96
CA ASP B 74 -1.68 11.48 12.71
C ASP B 74 -0.96 12.13 11.50
N ILE B 75 0.34 11.86 11.37
CA ILE B 75 1.14 12.41 10.24
C ILE B 75 0.70 11.72 8.95
N ALA B 76 0.46 10.40 9.05
CA ALA B 76 -0.08 9.61 7.95
C ALA B 76 -1.41 10.17 7.46
N LYS B 77 -2.30 10.50 8.40
CA LYS B 77 -3.62 11.01 8.02
C LYS B 77 -3.45 12.37 7.33
N GLU B 78 -2.54 13.16 7.88
CA GLU B 78 -2.28 14.49 7.35
C GLU B 78 -1.81 14.45 5.87
N CYS B 79 -1.18 13.34 5.46
CA CYS B 79 -0.72 13.16 4.07
C CYS B 79 -1.60 12.21 3.25
N GLU B 80 -2.73 11.82 3.85
CA GLU B 80 -3.72 10.90 3.28
C GLU B 80 -3.10 9.55 2.90
N VAL B 81 -2.26 9.03 3.78
CA VAL B 81 -1.52 7.79 3.49
C VAL B 81 -2.38 6.61 3.93
N THR B 82 -2.72 5.74 2.97
CA THR B 82 -3.56 4.59 3.27
C THR B 82 -2.96 3.22 2.92
N ALA B 83 -1.74 3.22 2.41
CA ALA B 83 -1.06 2.00 2.00
C ALA B 83 0.43 2.15 2.32
N MET B 84 1.13 1.03 2.43
CA MET B 84 2.56 1.03 2.73
C MET B 84 3.33 0.15 1.75
N PRO B 85 4.55 0.57 1.33
CA PRO B 85 5.10 1.90 1.62
C PRO B 85 4.42 2.99 0.73
N THR B 86 4.33 4.22 1.23
CA THR B 86 4.00 5.36 0.35
C THR B 86 5.09 6.43 0.49
N PHE B 87 5.52 6.98 -0.64
CA PHE B 87 6.50 8.07 -0.63
C PHE B 87 5.79 9.32 -1.02
N VAL B 88 5.79 10.27 -0.09
CA VAL B 88 5.17 11.59 -0.32
C VAL B 88 6.25 12.55 -0.74
N LEU B 89 6.00 13.27 -1.84
CA LEU B 89 6.95 14.24 -2.42
C LEU B 89 6.43 15.66 -2.19
N GLY B 90 7.22 16.46 -1.51
CA GLY B 90 6.92 17.87 -1.22
C GLY B 90 7.82 18.80 -1.99
N LYS B 91 7.21 19.83 -2.58
CA LYS B 91 7.96 20.86 -3.30
C LYS B 91 7.44 22.22 -2.86
N ASP B 92 8.33 23.05 -2.33
CA ASP B 92 8.02 24.39 -1.86
C ASP B 92 6.71 24.48 -1.03
N GLY B 93 6.58 23.59 -0.04
CA GLY B 93 5.47 23.63 0.93
C GLY B 93 4.21 22.91 0.47
N GLN B 94 4.25 22.39 -0.74
CA GLN B 94 3.10 21.70 -1.32
C GLN B 94 3.31 20.18 -1.43
N LEU B 95 2.26 19.39 -1.20
CA LEU B 95 2.29 17.94 -1.44
C LEU B 95 2.06 17.73 -2.92
N ILE B 96 3.15 17.51 -3.65
CA ILE B 96 3.10 17.63 -5.09
C ILE B 96 2.88 16.29 -5.76
N GLY B 97 3.23 15.22 -5.06
CA GLY B 97 3.07 13.88 -5.60
C GLY B 97 3.19 12.80 -4.56
N LYS B 98 2.75 11.60 -4.93
CA LYS B 98 2.76 10.44 -4.06
C LYS B 98 3.08 9.21 -4.85
N ILE B 99 4.06 8.43 -4.41
CA ILE B 99 4.34 7.18 -5.09
C ILE B 99 3.89 6.08 -4.15
N ILE B 100 2.88 5.34 -4.59
CA ILE B 100 2.27 4.33 -3.76
C ILE B 100 2.86 2.99 -4.09
N GLY B 101 3.50 2.40 -3.10
CA GLY B 101 4.09 1.10 -3.27
C GLY B 101 5.59 1.10 -3.54
N ALA B 102 6.16 -0.10 -3.53
CA ALA B 102 7.59 -0.36 -3.82
C ALA B 102 7.88 -0.31 -5.32
N ASN B 103 7.96 0.92 -5.82
CA ASN B 103 8.06 1.17 -7.23
C ASN B 103 9.28 2.09 -7.44
N PRO B 104 10.50 1.51 -7.52
CA PRO B 104 11.77 2.25 -7.68
C PRO B 104 11.72 3.21 -8.86
N THR B 105 11.16 2.77 -10.00
CA THR B 105 11.22 3.57 -11.23
C THR B 105 10.34 4.83 -11.11
N ALA B 106 9.10 4.67 -10.61
CA ALA B 106 8.22 5.84 -10.44
C ALA B 106 8.82 6.76 -9.39
N LEU B 107 9.48 6.19 -8.39
CA LEU B 107 10.00 7.00 -7.29
C LEU B 107 11.17 7.85 -7.79
N GLU B 108 12.07 7.23 -8.54
CA GLU B 108 13.20 8.01 -9.06
C GLU B 108 12.72 9.16 -9.95
N LYS B 109 11.75 8.87 -10.83
CA LYS B 109 11.20 9.86 -11.77
C LYS B 109 10.60 11.04 -11.02
N GLY B 110 9.80 10.72 -10.01
CA GLY B 110 9.17 11.74 -9.17
C GLY B 110 10.21 12.65 -8.51
N ILE B 111 11.28 12.06 -7.99
CA ILE B 111 12.33 12.77 -7.28
C ILE B 111 13.15 13.59 -8.29
N LYS B 112 13.40 12.97 -9.45
CA LYS B 112 14.17 13.58 -10.53
C LYS B 112 13.54 14.92 -10.92
N ASP B 113 12.22 14.92 -11.00
CA ASP B 113 11.42 16.09 -11.37
C ASP B 113 11.25 17.17 -10.29
N LEU B 114 11.60 16.89 -9.04
CA LEU B 114 11.42 17.87 -7.95
C LEU B 114 12.19 19.17 -8.13
#